data_4PGZ
#
_entry.id   4PGZ
#
_cell.length_a   163.592
_cell.length_b   63.548
_cell.length_c   81.547
_cell.angle_alpha   90.00
_cell.angle_beta   117.46
_cell.angle_gamma   90.00
#
_symmetry.space_group_name_H-M   'C 1 2 1'
#
loop_
_entity.id
_entity.type
_entity.pdbx_description
1 polymer 'Mast/stem cell growth factor receptor Kit'
2 non-polymer 2-acetamido-2-deoxy-beta-D-glucopyranose
3 non-polymer 'COBALT (II) ION'
4 water water
#
_entity_poly.entity_id   1
_entity_poly.type   'polypeptide(L)'
_entity_poly.pdbx_seq_one_letter_code
;GAMVDKGFINIFPMINTTVFVNDGENVDLIVEYEAFPKPEHQQWIYMNRTFTDKWEDYPKSENESNIRYVSELHLTRLKG
TEGGTYTFLVSNSDVNAAIAFNVYVNTKPEILIRLVNGMLQCVAAGFPEPTIDWYFCPGTEQRCSASVLPVDVQTLNSSG
PPFGKLVVQSSIDSSAFKHNGTVECKAYNDVGKTSAYFNFAFKEQIHP
;
_entity_poly.pdbx_strand_id   C,A,B
#
# COMPACT_ATOMS: atom_id res chain seq x y z
N ASP A 5 -30.49 -24.95 48.71
CA ASP A 5 -30.68 -24.10 47.55
C ASP A 5 -32.16 -23.77 47.37
N LYS A 6 -32.43 -22.60 46.80
CA LYS A 6 -33.80 -22.15 46.56
C LYS A 6 -34.20 -22.38 45.12
N GLY A 7 -35.15 -21.58 44.64
CA GLY A 7 -35.64 -21.70 43.28
C GLY A 7 -34.61 -21.30 42.25
N PHE A 8 -34.79 -21.76 41.02
CA PHE A 8 -33.88 -21.44 39.93
C PHE A 8 -34.51 -21.63 38.57
N ILE A 9 -34.08 -20.79 37.62
CA ILE A 9 -34.45 -20.94 36.22
C ILE A 9 -33.21 -20.73 35.34
N ASN A 10 -32.80 -21.77 34.64
CA ASN A 10 -31.64 -21.69 33.76
C ASN A 10 -32.06 -21.91 32.30
N ILE A 11 -31.73 -20.95 31.45
CA ILE A 11 -32.17 -20.97 30.06
C ILE A 11 -31.03 -21.27 29.08
N PHE A 12 -31.28 -22.25 28.20
CA PHE A 12 -30.34 -22.60 27.15
C PHE A 12 -31.02 -22.51 25.79
N PRO A 13 -30.45 -21.71 24.87
CA PRO A 13 -30.97 -21.60 23.50
C PRO A 13 -30.63 -22.84 22.67
N MET A 14 -31.57 -23.29 21.85
CA MET A 14 -31.35 -24.47 21.01
C MET A 14 -30.81 -24.08 19.64
N ILE A 15 -30.96 -22.80 19.31
CA ILE A 15 -30.37 -22.24 18.09
C ILE A 15 -29.52 -21.03 18.46
N ASN A 16 -28.72 -20.54 17.53
CA ASN A 16 -27.89 -19.37 17.77
C ASN A 16 -28.78 -18.16 18.04
N THR A 17 -28.37 -17.33 19.02
CA THR A 17 -29.17 -16.19 19.45
C THR A 17 -29.31 -15.14 18.35
N THR A 18 -28.28 -15.03 17.52
CA THR A 18 -28.35 -14.15 16.35
C THR A 18 -28.68 -14.97 15.11
N VAL A 19 -29.86 -14.71 14.54
CA VAL A 19 -30.31 -15.47 13.38
C VAL A 19 -30.55 -14.56 12.16
N PHE A 20 -30.21 -15.09 10.99
CA PHE A 20 -30.41 -14.36 9.74
C PHE A 20 -31.45 -15.06 8.87
N VAL A 21 -32.49 -14.32 8.52
CA VAL A 21 -33.57 -14.86 7.69
C VAL A 21 -33.79 -14.00 6.46
N ASN A 22 -33.97 -14.65 5.31
CA ASN A 22 -34.28 -13.93 4.07
C ASN A 22 -35.71 -13.43 4.09
N ASP A 23 -35.97 -12.37 3.33
CA ASP A 23 -37.28 -11.74 3.28
C ASP A 23 -38.38 -12.71 2.83
N GLY A 24 -39.40 -12.86 3.66
CA GLY A 24 -40.53 -13.70 3.33
C GLY A 24 -40.42 -15.13 3.83
N GLU A 25 -39.31 -15.46 4.47
CA GLU A 25 -39.08 -16.82 4.96
C GLU A 25 -39.50 -16.99 6.42
N ASN A 26 -39.42 -18.22 6.91
CA ASN A 26 -39.82 -18.54 8.28
C ASN A 26 -38.62 -18.85 9.17
N VAL A 27 -38.83 -18.77 10.47
CA VAL A 27 -37.81 -19.16 11.44
C VAL A 27 -38.45 -19.51 12.78
N ASP A 28 -37.96 -20.58 13.40
CA ASP A 28 -38.46 -21.01 14.70
C ASP A 28 -37.46 -20.70 15.80
N LEU A 29 -37.82 -19.79 16.69
CA LEU A 29 -36.97 -19.47 17.84
C LEU A 29 -37.22 -20.46 18.98
N ILE A 30 -36.26 -21.34 19.22
CA ILE A 30 -36.45 -22.42 20.18
C ILE A 30 -35.60 -22.24 21.44
N VAL A 31 -36.19 -22.49 22.59
CA VAL A 31 -35.50 -22.37 23.87
C VAL A 31 -35.83 -23.54 24.79
N GLU A 32 -34.80 -24.17 25.35
CA GLU A 32 -35.01 -25.13 26.42
C GLU A 32 -34.59 -24.48 27.73
N TYR A 33 -35.19 -24.91 28.85
CA TYR A 33 -34.82 -24.33 30.13
C TYR A 33 -35.22 -25.22 31.30
N GLU A 34 -34.37 -25.27 32.32
CA GLU A 34 -34.70 -26.03 33.53
C GLU A 34 -35.20 -25.06 34.61
N ALA A 35 -36.25 -25.46 35.31
CA ALA A 35 -36.86 -24.57 36.29
C ALA A 35 -37.42 -25.31 37.49
N PHE A 36 -37.23 -24.73 38.67
CA PHE A 36 -37.87 -25.22 39.89
C PHE A 36 -38.16 -24.05 40.81
N PRO A 37 -39.41 -23.93 41.29
CA PRO A 37 -40.56 -24.80 41.01
C PRO A 37 -41.14 -24.61 39.60
N LYS A 38 -42.34 -25.14 39.38
CA LYS A 38 -43.00 -25.08 38.09
C LYS A 38 -42.99 -23.68 37.48
N PRO A 39 -42.41 -23.55 36.28
CA PRO A 39 -42.34 -22.27 35.56
C PRO A 39 -43.71 -21.68 35.29
N GLU A 40 -43.77 -20.36 35.17
CA GLU A 40 -45.03 -19.65 35.05
C GLU A 40 -44.83 -18.40 34.21
N HIS A 41 -45.93 -17.88 33.68
CA HIS A 41 -45.93 -16.62 32.93
C HIS A 41 -44.95 -16.64 31.76
N GLN A 42 -44.93 -17.74 31.01
CA GLN A 42 -44.15 -17.81 29.78
C GLN A 42 -44.63 -16.75 28.81
N GLN A 43 -43.71 -16.05 28.18
CA GLN A 43 -44.08 -14.90 27.35
C GLN A 43 -43.08 -14.61 26.24
N TRP A 44 -43.60 -14.33 25.04
CA TRP A 44 -42.78 -13.88 23.93
C TRP A 44 -43.16 -12.45 23.55
N ILE A 45 -42.17 -11.57 23.48
CA ILE A 45 -42.41 -10.16 23.25
C ILE A 45 -41.55 -9.59 22.13
N TYR A 46 -42.19 -8.86 21.23
CA TYR A 46 -41.47 -8.07 20.23
C TYR A 46 -42.11 -6.70 20.12
N MET A 47 -41.32 -5.67 20.41
CA MET A 47 -41.78 -4.28 20.33
C MET A 47 -42.95 -4.01 21.27
N ASN A 48 -42.80 -4.37 22.55
CA ASN A 48 -43.83 -4.20 23.57
C ASN A 48 -45.12 -4.97 23.26
N ARG A 49 -45.11 -5.73 22.18
CA ARG A 49 -46.25 -6.52 21.75
C ARG A 49 -46.06 -7.98 22.13
N THR A 50 -47.07 -8.57 22.77
CA THR A 50 -46.97 -9.96 23.20
C THR A 50 -47.67 -10.89 22.21
N PHE A 51 -46.92 -11.87 21.70
CA PHE A 51 -47.49 -12.88 20.82
C PHE A 51 -48.46 -13.77 21.60
N THR A 52 -49.69 -13.82 21.13
CA THR A 52 -50.75 -14.52 21.87
C THR A 52 -50.82 -16.01 21.52
N ASP A 53 -50.72 -16.33 20.24
CA ASP A 53 -50.91 -17.71 19.80
C ASP A 53 -49.88 -18.17 18.78
N LYS A 54 -48.78 -17.42 18.65
CA LYS A 54 -47.74 -17.79 17.69
C LYS A 54 -46.67 -18.67 18.33
N TRP A 55 -46.81 -18.97 19.61
CA TRP A 55 -45.80 -19.74 20.32
C TRP A 55 -46.39 -20.90 21.13
N GLU A 56 -45.54 -21.86 21.46
CA GLU A 56 -45.96 -23.03 22.22
C GLU A 56 -44.99 -23.35 23.36
N ASP A 57 -45.54 -23.88 24.46
CA ASP A 57 -44.75 -24.28 25.61
C ASP A 57 -45.12 -25.69 26.05
N TYR A 58 -44.12 -26.49 26.41
CA TYR A 58 -44.38 -27.88 26.82
C TYR A 58 -43.20 -28.48 27.59
N PRO A 59 -43.48 -29.35 28.57
CA PRO A 59 -42.40 -30.03 29.28
C PRO A 59 -41.64 -31.00 28.38
N LYS A 60 -40.33 -31.07 28.56
CA LYS A 60 -39.49 -31.92 27.72
C LYS A 60 -39.73 -33.40 28.01
N SER A 61 -40.26 -33.69 29.19
CA SER A 61 -40.54 -35.07 29.57
C SER A 61 -41.91 -35.21 30.23
N GLU A 62 -42.59 -36.32 29.97
CA GLU A 62 -43.90 -36.59 30.56
C GLU A 62 -43.74 -37.01 32.01
N ASN A 63 -42.57 -37.55 32.35
CA ASN A 63 -42.29 -38.02 33.70
C ASN A 63 -42.46 -36.93 34.75
N GLU A 64 -42.89 -37.33 35.95
CA GLU A 64 -43.27 -36.38 36.99
C GLU A 64 -42.12 -35.58 37.56
N SER A 65 -40.92 -36.16 37.56
CA SER A 65 -39.76 -35.50 38.14
C SER A 65 -39.05 -34.58 37.15
N ASN A 66 -39.75 -34.24 36.07
CA ASN A 66 -39.19 -33.39 35.02
C ASN A 66 -39.16 -31.91 35.42
N ILE A 67 -38.01 -31.28 35.20
CA ILE A 67 -37.88 -29.84 35.39
C ILE A 67 -37.42 -29.19 34.09
N ARG A 68 -37.30 -29.99 33.04
CA ARG A 68 -36.91 -29.50 31.72
C ARG A 68 -38.12 -29.09 30.90
N TYR A 69 -38.04 -27.91 30.29
CA TYR A 69 -39.16 -27.38 29.50
C TYR A 69 -38.68 -26.78 28.18
N VAL A 70 -39.61 -26.67 27.23
CA VAL A 70 -39.32 -26.15 25.91
C VAL A 70 -40.35 -25.10 25.51
N SER A 71 -39.87 -24.02 24.91
CA SER A 71 -40.72 -22.97 24.37
C SER A 71 -40.28 -22.58 22.97
N GLU A 72 -41.22 -22.55 22.03
CA GLU A 72 -40.91 -22.24 20.65
C GLU A 72 -41.78 -21.12 20.09
N LEU A 73 -41.15 -20.14 19.45
CA LEU A 73 -41.87 -19.08 18.77
C LEU A 73 -41.78 -19.26 17.26
N HIS A 74 -42.92 -19.40 16.61
CA HIS A 74 -42.96 -19.60 15.16
C HIS A 74 -43.13 -18.28 14.40
N LEU A 75 -42.04 -17.80 13.82
CA LEU A 75 -42.09 -16.61 12.99
C LEU A 75 -42.29 -16.99 11.54
N THR A 76 -43.36 -16.50 10.93
CA THR A 76 -43.69 -16.86 9.55
C THR A 76 -43.78 -15.63 8.64
N ARG A 77 -43.21 -15.76 7.45
CA ARG A 77 -43.24 -14.71 6.43
C ARG A 77 -42.72 -13.38 6.97
N LEU A 78 -41.51 -13.41 7.53
CA LEU A 78 -40.92 -12.22 8.13
C LEU A 78 -40.64 -11.13 7.10
N LYS A 79 -41.00 -9.91 7.45
CA LYS A 79 -40.71 -8.75 6.61
C LYS A 79 -39.44 -8.07 7.09
N GLY A 80 -38.91 -7.17 6.29
CA GLY A 80 -37.69 -6.45 6.65
C GLY A 80 -37.88 -5.60 7.90
N THR A 81 -39.09 -5.07 8.05
CA THR A 81 -39.42 -4.24 9.20
C THR A 81 -39.62 -5.08 10.46
N GLU A 82 -39.91 -6.37 10.27
CA GLU A 82 -40.16 -7.28 11.39
C GLU A 82 -38.87 -7.82 11.97
N GLY A 83 -37.74 -7.27 11.53
CA GLY A 83 -36.45 -7.63 12.10
C GLY A 83 -36.20 -6.85 13.37
N GLY A 84 -35.58 -7.50 14.35
CA GLY A 84 -35.31 -6.87 15.63
C GLY A 84 -35.11 -7.89 16.74
N THR A 85 -35.30 -7.46 17.98
CA THR A 85 -35.07 -8.33 19.12
C THR A 85 -36.35 -8.99 19.62
N TYR A 86 -36.36 -10.32 19.63
CA TYR A 86 -37.48 -11.08 20.15
C TYR A 86 -37.12 -11.67 21.51
N THR A 87 -37.91 -11.35 22.54
CA THR A 87 -37.53 -11.71 23.90
C THR A 87 -38.46 -12.75 24.52
N PHE A 88 -37.87 -13.75 25.17
CA PHE A 88 -38.62 -14.75 25.90
C PHE A 88 -38.43 -14.59 27.41
N LEU A 89 -39.53 -14.43 28.13
CA LEU A 89 -39.51 -14.33 29.58
C LEU A 89 -40.25 -15.48 30.24
N VAL A 90 -39.78 -15.87 31.43
CA VAL A 90 -40.43 -16.91 32.21
C VAL A 90 -40.07 -16.72 33.69
N SER A 91 -40.96 -17.13 34.59
CA SER A 91 -40.72 -16.97 36.01
C SER A 91 -41.38 -18.05 36.85
N ASN A 92 -40.97 -18.13 38.11
CA ASN A 92 -41.65 -18.95 39.09
C ASN A 92 -41.83 -18.16 40.39
N SER A 93 -41.95 -18.87 41.51
CA SER A 93 -42.22 -18.21 42.79
C SER A 93 -40.99 -17.49 43.33
N ASP A 94 -39.82 -17.78 42.76
CA ASP A 94 -38.58 -17.24 43.29
C ASP A 94 -37.80 -16.39 42.28
N VAL A 95 -37.68 -16.90 41.05
CA VAL A 95 -36.78 -16.29 40.07
C VAL A 95 -37.51 -15.78 38.83
N ASN A 96 -36.98 -14.69 38.25
CA ASN A 96 -37.39 -14.24 36.93
C ASN A 96 -36.23 -14.40 35.95
N ALA A 97 -36.52 -14.93 34.76
CA ALA A 97 -35.48 -15.18 33.78
C ALA A 97 -35.91 -14.83 32.36
N ALA A 98 -34.95 -14.41 31.54
CA ALA A 98 -35.24 -14.03 30.16
C ALA A 98 -34.07 -14.36 29.25
N ILE A 99 -34.37 -14.51 27.96
CA ILE A 99 -33.34 -14.68 26.94
C ILE A 99 -33.79 -13.94 25.67
N ALA A 100 -32.84 -13.43 24.91
CA ALA A 100 -33.18 -12.63 23.75
C ALA A 100 -32.56 -13.14 22.46
N PHE A 101 -33.34 -13.07 21.38
CA PHE A 101 -32.87 -13.44 20.05
C PHE A 101 -32.79 -12.21 19.16
N ASN A 102 -31.68 -12.08 18.43
CA ASN A 102 -31.52 -10.99 17.47
C ASN A 102 -31.80 -11.47 16.06
N VAL A 103 -32.94 -11.07 15.52
CA VAL A 103 -33.40 -11.51 14.21
C VAL A 103 -33.14 -10.47 13.13
N TYR A 104 -32.23 -10.80 12.22
CA TYR A 104 -31.96 -9.96 11.06
C TYR A 104 -32.77 -10.44 9.86
N VAL A 105 -33.39 -9.52 9.14
CA VAL A 105 -34.14 -9.89 7.94
C VAL A 105 -33.52 -9.26 6.69
N ASN A 106 -32.87 -10.10 5.89
CA ASN A 106 -32.23 -9.65 4.65
C ASN A 106 -33.24 -9.21 3.61
N THR A 107 -33.10 -7.98 3.11
CA THR A 107 -33.97 -7.46 2.06
C THR A 107 -33.19 -6.72 1.00
N LYS A 108 -33.63 -6.83 -0.25
CA LYS A 108 -33.01 -6.08 -1.34
C LYS A 108 -33.42 -4.61 -1.23
N PRO A 109 -32.54 -3.70 -1.68
CA PRO A 109 -32.77 -2.26 -1.53
C PRO A 109 -34.04 -1.75 -2.22
N GLU A 110 -34.78 -0.89 -1.51
CA GLU A 110 -35.87 -0.14 -2.11
C GLU A 110 -35.41 1.31 -2.28
N ILE A 111 -35.55 1.84 -3.48
CA ILE A 111 -35.08 3.18 -3.77
C ILE A 111 -36.21 4.15 -4.10
N LEU A 112 -36.17 5.35 -3.53
CA LEU A 112 -37.12 6.39 -3.91
C LEU A 112 -36.43 7.66 -4.35
N ILE A 113 -37.19 8.51 -5.04
CA ILE A 113 -36.71 9.79 -5.52
C ILE A 113 -37.78 10.86 -5.36
N ARG A 114 -37.43 11.97 -4.70
CA ARG A 114 -38.37 13.06 -4.47
C ARG A 114 -38.40 14.02 -5.66
N MET A 119 -33.18 19.02 -9.23
CA MET A 119 -32.46 18.55 -8.06
C MET A 119 -33.25 17.48 -7.32
N LEU A 120 -33.04 16.23 -7.69
CA LEU A 120 -33.70 15.10 -7.03
C LEU A 120 -32.75 14.40 -6.06
N GLN A 121 -33.31 13.55 -5.21
CA GLN A 121 -32.50 12.79 -4.27
C GLN A 121 -32.86 11.30 -4.30
N CYS A 122 -31.84 10.45 -4.37
CA CYS A 122 -32.04 9.01 -4.40
C CYS A 122 -31.78 8.39 -3.03
N VAL A 123 -32.79 7.71 -2.49
CA VAL A 123 -32.66 7.13 -1.15
C VAL A 123 -32.92 5.62 -1.17
N ALA A 124 -31.95 4.85 -0.68
CA ALA A 124 -32.06 3.39 -0.65
C ALA A 124 -32.23 2.86 0.76
N ALA A 125 -33.09 1.86 0.92
CA ALA A 125 -33.36 1.28 2.23
C ALA A 125 -33.43 -0.25 2.20
N GLY A 126 -32.90 -0.88 3.25
CA GLY A 126 -32.93 -2.33 3.37
C GLY A 126 -31.87 -2.86 4.31
N PHE A 127 -31.73 -4.17 4.34
CA PHE A 127 -30.66 -4.81 5.11
C PHE A 127 -30.02 -5.95 4.32
N PRO A 128 -28.68 -6.01 4.29
CA PRO A 128 -27.74 -5.08 4.94
C PRO A 128 -27.71 -3.71 4.26
N GLU A 129 -26.93 -2.79 4.83
CA GLU A 129 -26.86 -1.42 4.34
C GLU A 129 -26.55 -1.37 2.84
N PRO A 130 -27.51 -0.85 2.05
CA PRO A 130 -27.36 -0.75 0.61
C PRO A 130 -26.31 0.27 0.19
N THR A 131 -25.46 -0.09 -0.78
CA THR A 131 -24.49 0.85 -1.32
C THR A 131 -24.96 1.35 -2.68
N ILE A 132 -24.63 2.60 -2.99
CA ILE A 132 -25.13 3.25 -4.20
C ILE A 132 -24.02 3.55 -5.20
N ASP A 133 -24.18 3.04 -6.42
CA ASP A 133 -23.27 3.32 -7.51
C ASP A 133 -23.96 4.14 -8.60
N TRP A 134 -23.18 4.97 -9.28
CA TRP A 134 -23.69 5.80 -10.37
C TRP A 134 -22.96 5.48 -11.67
N TYR A 135 -23.71 5.18 -12.71
CA TYR A 135 -23.12 4.88 -14.01
C TYR A 135 -23.54 5.92 -15.04
N PHE A 136 -22.60 6.30 -15.90
CA PHE A 136 -22.81 7.36 -16.86
C PHE A 136 -22.82 6.81 -18.28
N CYS A 137 -23.92 7.04 -19.00
CA CYS A 137 -24.07 6.52 -20.36
C CYS A 137 -23.67 7.58 -21.39
N VAL A 153 -22.75 11.71 0.88
CA VAL A 153 -23.54 10.56 1.26
C VAL A 153 -23.86 10.57 2.75
N GLN A 154 -25.15 10.66 3.08
CA GLN A 154 -25.59 10.70 4.48
C GLN A 154 -26.49 9.52 4.81
N THR A 155 -26.96 9.50 6.06
CA THR A 155 -27.78 8.39 6.55
C THR A 155 -28.93 8.89 7.43
N LEU A 156 -30.15 8.52 7.08
CA LEU A 156 -31.32 8.90 7.86
C LEU A 156 -32.10 7.67 8.32
N ASN A 157 -33.17 7.90 9.07
CA ASN A 157 -34.01 6.83 9.56
C ASN A 157 -35.49 7.20 9.49
N SER A 158 -36.16 6.75 8.44
CA SER A 158 -37.58 7.07 8.24
C SER A 158 -38.47 5.84 8.35
N SER A 159 -39.70 6.05 8.78
CA SER A 159 -40.67 4.96 8.94
C SER A 159 -41.33 4.64 7.60
N GLY A 160 -41.82 5.68 6.93
CA GLY A 160 -42.46 5.50 5.63
C GLY A 160 -41.47 5.10 4.55
N PRO A 161 -41.95 5.04 3.29
CA PRO A 161 -41.12 4.67 2.13
C PRO A 161 -39.81 5.46 2.07
N PRO A 162 -38.70 4.79 1.70
CA PRO A 162 -38.69 3.38 1.34
C PRO A 162 -38.57 2.48 2.56
N PHE A 163 -39.16 1.28 2.49
CA PHE A 163 -39.17 0.38 3.63
C PHE A 163 -37.90 -0.48 3.69
N GLY A 164 -37.11 -0.24 4.73
CA GLY A 164 -35.88 -0.98 4.95
C GLY A 164 -35.29 -0.68 6.32
N LYS A 165 -34.50 -1.61 6.83
CA LYS A 165 -33.91 -1.46 8.16
C LYS A 165 -32.89 -0.34 8.18
N LEU A 166 -32.00 -0.33 7.20
CA LEU A 166 -30.96 0.70 7.11
C LEU A 166 -31.17 1.59 5.89
N VAL A 167 -31.04 2.90 6.09
CA VAL A 167 -31.34 3.87 5.04
C VAL A 167 -30.13 4.74 4.70
N VAL A 168 -29.84 4.86 3.41
CA VAL A 168 -28.71 5.64 2.94
C VAL A 168 -29.07 6.51 1.73
N GLN A 169 -28.66 7.77 1.78
CA GLN A 169 -28.86 8.70 0.66
C GLN A 169 -27.52 9.09 0.04
N SER A 170 -27.41 8.97 -1.27
CA SER A 170 -26.19 9.32 -1.98
C SER A 170 -26.44 10.47 -2.97
N SER A 171 -25.51 11.42 -3.01
CA SER A 171 -25.68 12.60 -3.85
C SER A 171 -24.42 12.94 -4.66
N ILE A 172 -24.54 12.84 -5.99
CA ILE A 172 -23.48 13.23 -6.91
C ILE A 172 -24.03 13.33 -8.32
N CYS A 185 -29.33 6.08 -10.83
CA CYS A 185 -29.07 5.64 -9.46
C CYS A 185 -29.17 4.13 -9.32
N LYS A 186 -28.05 3.49 -9.04
CA LYS A 186 -28.04 2.06 -8.77
C LYS A 186 -27.78 1.81 -7.29
N ALA A 187 -28.45 0.82 -6.72
CA ALA A 187 -28.25 0.49 -5.30
C ALA A 187 -28.27 -1.02 -5.11
N TYR A 188 -27.40 -1.54 -4.25
CA TYR A 188 -27.34 -2.98 -4.06
C TYR A 188 -26.75 -3.40 -2.72
N ASN A 189 -27.02 -4.66 -2.36
CA ASN A 189 -26.38 -5.32 -1.25
C ASN A 189 -26.20 -6.81 -1.56
N ASP A 190 -25.57 -7.54 -0.65
CA ASP A 190 -25.22 -8.94 -0.89
C ASP A 190 -26.42 -9.86 -1.10
N VAL A 191 -27.63 -9.30 -1.06
CA VAL A 191 -28.83 -10.11 -1.23
C VAL A 191 -29.64 -9.68 -2.47
N GLY A 192 -29.25 -8.58 -3.10
CA GLY A 192 -29.95 -8.14 -4.29
C GLY A 192 -29.58 -6.76 -4.80
N LYS A 193 -30.14 -6.39 -5.95
CA LYS A 193 -29.86 -5.09 -6.55
C LYS A 193 -31.10 -4.45 -7.16
N THR A 194 -31.12 -3.12 -7.17
CA THR A 194 -32.24 -2.34 -7.72
C THR A 194 -31.70 -1.09 -8.40
N SER A 195 -32.19 -0.81 -9.60
CA SER A 195 -31.68 0.30 -10.40
C SER A 195 -32.78 1.20 -10.95
N ALA A 196 -32.39 2.40 -11.38
CA ALA A 196 -33.30 3.36 -12.00
C ALA A 196 -32.50 4.44 -12.70
N TYR A 197 -32.99 4.91 -13.84
CA TYR A 197 -32.29 5.94 -14.60
C TYR A 197 -32.90 7.32 -14.40
N PHE A 198 -32.08 8.35 -14.58
CA PHE A 198 -32.54 9.74 -14.49
C PHE A 198 -31.79 10.60 -15.51
N ASN A 199 -32.56 11.31 -16.33
CA ASN A 199 -31.97 12.19 -17.34
C ASN A 199 -32.62 13.56 -17.36
N PHE A 200 -31.95 14.53 -17.99
CA PHE A 200 -32.47 15.89 -18.08
C PHE A 200 -32.58 16.36 -19.52
N VAL B 4 51.74 -10.63 -55.71
CA VAL B 4 50.91 -9.82 -54.83
C VAL B 4 49.72 -10.63 -54.32
N ASP B 5 49.51 -10.59 -53.00
CA ASP B 5 48.44 -11.37 -52.38
C ASP B 5 47.13 -10.59 -52.30
N LYS B 6 46.03 -11.31 -52.13
CA LYS B 6 44.71 -10.70 -52.01
C LYS B 6 44.59 -9.86 -50.75
N GLY B 7 43.66 -8.92 -50.74
CA GLY B 7 43.44 -8.07 -49.59
C GLY B 7 42.79 -8.81 -48.44
N PHE B 8 42.86 -8.23 -47.25
CA PHE B 8 42.28 -8.85 -46.06
C PHE B 8 41.98 -7.84 -44.95
N ILE B 9 40.92 -8.10 -44.20
CA ILE B 9 40.60 -7.33 -43.00
C ILE B 9 40.16 -8.26 -41.88
N ASN B 10 40.96 -8.31 -40.81
CA ASN B 10 40.67 -9.17 -39.66
C ASN B 10 40.27 -8.35 -38.44
N ILE B 11 39.06 -8.58 -37.95
CA ILE B 11 38.53 -7.79 -36.84
C ILE B 11 38.59 -8.54 -35.50
N PHE B 12 39.10 -7.86 -34.48
CA PHE B 12 39.10 -8.38 -33.12
C PHE B 12 38.56 -7.34 -32.15
N PRO B 13 37.51 -7.70 -31.39
CA PRO B 13 36.98 -6.80 -30.35
C PRO B 13 37.83 -6.82 -29.09
N MET B 14 38.13 -5.64 -28.55
CA MET B 14 38.95 -5.54 -27.34
C MET B 14 38.10 -5.65 -26.08
N ILE B 15 36.78 -5.57 -26.26
CA ILE B 15 35.84 -5.81 -25.17
C ILE B 15 34.83 -6.85 -25.61
N ASN B 16 34.01 -7.33 -24.69
CA ASN B 16 32.98 -8.30 -25.03
C ASN B 16 31.93 -7.65 -25.93
N THR B 17 31.44 -8.40 -26.92
CA THR B 17 30.47 -7.87 -27.86
C THR B 17 29.15 -7.58 -27.16
N THR B 18 28.84 -8.35 -26.12
CA THR B 18 27.68 -8.07 -25.28
C THR B 18 28.12 -7.34 -24.02
N VAL B 19 27.65 -6.10 -23.86
CA VAL B 19 28.03 -5.30 -22.70
C VAL B 19 26.81 -4.80 -21.94
N PHE B 20 26.96 -4.69 -20.63
CA PHE B 20 25.88 -4.20 -19.76
C PHE B 20 26.28 -2.89 -19.11
N VAL B 21 25.41 -1.90 -19.22
CA VAL B 21 25.67 -0.58 -18.68
C VAL B 21 24.45 -0.01 -17.97
N ASN B 22 24.65 0.48 -16.76
CA ASN B 22 23.57 1.06 -15.97
C ASN B 22 23.09 2.39 -16.56
N ASP B 23 21.85 2.75 -16.23
CA ASP B 23 21.23 3.96 -16.77
C ASP B 23 22.03 5.21 -16.46
N GLY B 24 22.40 5.95 -17.50
CA GLY B 24 23.10 7.22 -17.33
C GLY B 24 24.61 7.09 -17.33
N GLU B 25 25.10 5.84 -17.33
CA GLU B 25 26.54 5.60 -17.31
C GLU B 25 27.13 5.65 -18.72
N ASN B 26 28.46 5.53 -18.79
CA ASN B 26 29.15 5.58 -20.08
C ASN B 26 29.82 4.25 -20.41
N VAL B 27 30.06 4.02 -21.70
CA VAL B 27 30.77 2.83 -22.15
C VAL B 27 31.51 3.10 -23.45
N ASP B 28 32.67 2.48 -23.62
CA ASP B 28 33.45 2.64 -24.83
C ASP B 28 33.49 1.33 -25.63
N LEU B 29 33.01 1.37 -26.86
CA LEU B 29 33.09 0.22 -27.75
C LEU B 29 34.40 0.26 -28.51
N ILE B 30 35.25 -0.74 -28.28
CA ILE B 30 36.61 -0.72 -28.83
C ILE B 30 36.87 -1.88 -29.79
N VAL B 31 37.32 -1.54 -30.99
CA VAL B 31 37.65 -2.54 -32.00
C VAL B 31 39.08 -2.35 -32.51
N GLU B 32 39.85 -3.43 -32.52
CA GLU B 32 41.16 -3.41 -33.17
C GLU B 32 41.15 -4.34 -34.37
N TYR B 33 41.71 -3.90 -35.48
CA TYR B 33 41.65 -4.73 -36.69
C TYR B 33 42.86 -4.56 -37.60
N GLU B 34 43.27 -5.67 -38.20
CA GLU B 34 44.32 -5.66 -39.22
C GLU B 34 43.67 -5.43 -40.58
N ALA B 35 44.37 -4.72 -41.47
CA ALA B 35 43.81 -4.42 -42.78
C ALA B 35 44.89 -4.13 -43.82
N PHE B 36 44.77 -4.77 -44.98
CA PHE B 36 45.62 -4.43 -46.11
C PHE B 36 44.89 -4.70 -47.43
N PRO B 37 44.84 -3.71 -48.33
CA PRO B 37 45.46 -2.39 -48.22
C PRO B 37 44.76 -1.45 -47.24
N LYS B 38 45.19 -0.19 -47.20
CA LYS B 38 44.70 0.78 -46.23
C LYS B 38 43.18 0.82 -46.12
N PRO B 39 42.67 0.72 -44.88
CA PRO B 39 41.24 0.66 -44.60
C PRO B 39 40.53 1.99 -44.87
N GLU B 40 39.29 1.91 -45.32
CA GLU B 40 38.47 3.09 -45.56
C GLU B 40 37.03 2.82 -45.15
N HIS B 41 36.19 3.85 -45.28
CA HIS B 41 34.76 3.74 -45.01
C HIS B 41 34.45 3.26 -43.59
N GLN B 42 35.26 3.67 -42.61
CA GLN B 42 34.97 3.36 -41.22
C GLN B 42 33.71 4.07 -40.79
N GLN B 43 32.79 3.35 -40.16
CA GLN B 43 31.57 3.98 -39.66
C GLN B 43 30.95 3.20 -38.50
N TRP B 44 30.31 3.95 -37.59
CA TRP B 44 29.53 3.35 -36.52
C TRP B 44 28.05 3.64 -36.76
N ILE B 45 27.25 2.59 -36.72
CA ILE B 45 25.82 2.68 -37.03
C ILE B 45 24.96 2.19 -35.88
N TYR B 46 23.93 2.96 -35.56
CA TYR B 46 22.94 2.58 -34.57
C TYR B 46 21.56 3.05 -35.03
N MET B 47 20.65 2.10 -35.26
CA MET B 47 19.29 2.40 -35.68
C MET B 47 19.27 3.17 -37.00
N ASN B 48 19.99 2.66 -37.99
CA ASN B 48 20.07 3.27 -39.32
C ASN B 48 20.68 4.67 -39.31
N ARG B 49 21.34 5.02 -38.21
CA ARG B 49 21.95 6.35 -38.08
C ARG B 49 23.45 6.25 -37.85
N THR B 50 24.22 6.95 -38.67
CA THR B 50 25.67 6.97 -38.52
C THR B 50 26.11 8.12 -37.64
N PHE B 51 26.96 7.82 -36.65
CA PHE B 51 27.51 8.84 -35.77
C PHE B 51 28.51 9.72 -36.52
N THR B 52 28.30 11.02 -36.44
CA THR B 52 29.25 11.98 -37.03
C THR B 52 30.39 12.21 -36.05
N ASP B 53 30.04 12.37 -34.79
CA ASP B 53 31.03 12.51 -33.72
C ASP B 53 30.98 11.29 -32.80
N LYS B 54 31.57 11.43 -31.62
CA LYS B 54 31.55 10.41 -30.57
C LYS B 54 32.37 9.15 -30.90
N TRP B 55 33.07 9.17 -32.02
CA TRP B 55 33.92 8.02 -32.36
C TRP B 55 35.19 8.42 -33.11
N GLU B 56 36.26 7.66 -32.91
CA GLU B 56 37.55 7.97 -33.53
C GLU B 56 38.24 6.75 -34.16
N ASP B 57 39.06 6.99 -35.18
CA ASP B 57 39.92 5.97 -35.77
C ASP B 57 41.38 6.40 -35.71
N TYR B 58 42.27 5.44 -35.54
CA TYR B 58 43.70 5.73 -35.55
C TYR B 58 44.54 4.47 -35.71
N PRO B 59 45.61 4.56 -36.51
CA PRO B 59 46.53 3.43 -36.63
C PRO B 59 47.24 3.15 -35.31
N LYS B 60 47.38 1.87 -34.97
CA LYS B 60 48.04 1.48 -33.73
C LYS B 60 49.51 1.95 -33.73
N SER B 61 50.12 1.95 -34.90
CA SER B 61 51.50 2.40 -35.04
C SER B 61 51.62 3.42 -36.18
N GLU B 62 52.47 4.42 -35.98
CA GLU B 62 52.72 5.43 -36.99
C GLU B 62 53.77 4.96 -37.99
N ASN B 63 54.17 3.70 -37.86
CA ASN B 63 55.14 3.11 -38.77
C ASN B 63 54.58 2.96 -40.18
N GLU B 64 55.46 3.01 -41.17
CA GLU B 64 55.07 2.82 -42.56
C GLU B 64 54.56 1.40 -42.81
N SER B 65 55.07 0.45 -42.02
CA SER B 65 54.73 -0.95 -42.19
C SER B 65 53.46 -1.34 -41.44
N ASN B 66 52.91 -0.41 -40.66
CA ASN B 66 51.76 -0.69 -39.82
C ASN B 66 50.50 -1.05 -40.60
N ILE B 67 49.85 -2.14 -40.20
CA ILE B 67 48.60 -2.57 -40.81
C ILE B 67 47.51 -2.77 -39.76
N ARG B 68 47.82 -2.42 -38.52
CA ARG B 68 46.86 -2.57 -37.43
C ARG B 68 46.24 -1.23 -37.06
N TYR B 69 44.94 -1.25 -36.77
CA TYR B 69 44.19 -0.03 -36.53
C TYR B 69 43.20 -0.17 -35.38
N VAL B 70 42.78 0.96 -34.83
CA VAL B 70 41.84 0.99 -33.72
C VAL B 70 40.69 1.95 -34.01
N SER B 71 39.47 1.51 -33.69
CA SER B 71 38.30 2.37 -33.77
C SER B 71 37.51 2.29 -32.47
N GLU B 72 37.20 3.44 -31.90
CA GLU B 72 36.48 3.48 -30.63
C GLU B 72 35.25 4.39 -30.69
N LEU B 73 34.12 3.87 -30.22
CA LEU B 73 32.90 4.66 -30.11
C LEU B 73 32.61 4.97 -28.64
N HIS B 74 32.58 6.25 -28.31
CA HIS B 74 32.35 6.69 -26.95
C HIS B 74 30.89 6.98 -26.67
N LEU B 75 30.20 6.02 -26.06
CA LEU B 75 28.81 6.22 -25.66
C LEU B 75 28.73 6.84 -24.27
N THR B 76 28.03 7.96 -24.16
CA THR B 76 27.94 8.68 -22.90
C THR B 76 26.49 8.89 -22.47
N ARG B 77 26.26 8.83 -21.15
CA ARG B 77 24.93 9.06 -20.56
C ARG B 77 23.84 8.24 -21.23
N LEU B 78 24.07 6.93 -21.32
CA LEU B 78 23.16 6.04 -22.03
C LEU B 78 21.80 5.91 -21.34
N LYS B 79 20.74 6.20 -22.10
CA LYS B 79 19.39 6.02 -21.64
C LYS B 79 18.95 4.57 -21.86
N GLY B 80 17.84 4.19 -21.23
CA GLY B 80 17.32 2.84 -21.37
C GLY B 80 16.83 2.54 -22.77
N THR B 81 16.40 3.58 -23.47
CA THR B 81 15.86 3.43 -24.83
C THR B 81 16.97 3.43 -25.87
N GLU B 82 18.16 3.86 -25.47
CA GLU B 82 19.29 3.95 -26.39
C GLU B 82 20.10 2.66 -26.40
N GLY B 83 19.60 1.63 -25.73
CA GLY B 83 20.21 0.31 -25.77
C GLY B 83 19.91 -0.35 -27.11
N GLY B 84 20.69 -1.36 -27.47
CA GLY B 84 20.50 -2.05 -28.72
C GLY B 84 21.80 -2.42 -29.40
N THR B 85 21.77 -2.63 -30.71
CA THR B 85 22.94 -3.07 -31.44
C THR B 85 23.70 -1.91 -32.09
N TYR B 86 24.99 -1.83 -31.81
CA TYR B 86 25.86 -0.82 -32.41
C TYR B 86 26.89 -1.49 -33.31
N THR B 87 26.80 -1.22 -34.61
CA THR B 87 27.64 -1.93 -35.58
C THR B 87 28.77 -1.07 -36.13
N PHE B 88 29.99 -1.60 -36.10
CA PHE B 88 31.13 -0.95 -36.74
C PHE B 88 31.42 -1.61 -38.09
N LEU B 89 31.50 -0.79 -39.13
CA LEU B 89 31.80 -1.26 -40.47
C LEU B 89 33.07 -0.63 -41.00
N VAL B 90 33.85 -1.43 -41.74
CA VAL B 90 35.10 -0.95 -42.34
C VAL B 90 35.34 -1.72 -43.63
N SER B 91 36.11 -1.15 -44.55
CA SER B 91 36.40 -1.82 -45.81
C SER B 91 37.65 -1.28 -46.50
N ASN B 92 38.13 -2.04 -47.48
CA ASN B 92 39.15 -1.56 -48.39
C ASN B 92 38.73 -1.84 -49.83
N SER B 93 39.69 -1.92 -50.73
CA SER B 93 39.37 -2.13 -52.15
C SER B 93 39.07 -3.59 -52.46
N ASP B 94 39.21 -4.47 -51.46
CA ASP B 94 39.02 -5.90 -51.69
C ASP B 94 37.98 -6.52 -50.76
N VAL B 95 37.98 -6.11 -49.50
CA VAL B 95 37.17 -6.78 -48.48
C VAL B 95 36.30 -5.83 -47.66
N ASN B 96 35.05 -6.22 -47.42
CA ASN B 96 34.18 -5.53 -46.49
C ASN B 96 34.05 -6.31 -45.19
N ALA B 97 34.16 -5.62 -44.05
CA ALA B 97 34.10 -6.28 -42.74
C ALA B 97 33.25 -5.49 -41.75
N ALA B 98 32.59 -6.22 -40.85
CA ALA B 98 31.73 -5.59 -39.86
C ALA B 98 31.74 -6.37 -38.53
N ILE B 99 31.47 -5.68 -37.44
CA ILE B 99 31.31 -6.32 -36.14
C ILE B 99 30.25 -5.59 -35.34
N ALA B 100 29.40 -6.33 -34.64
CA ALA B 100 28.29 -5.69 -33.93
C ALA B 100 28.36 -5.91 -32.42
N PHE B 101 28.06 -4.85 -31.67
CA PHE B 101 28.03 -4.91 -30.21
C PHE B 101 26.60 -4.87 -29.69
N ASN B 102 26.27 -5.78 -28.79
CA ASN B 102 24.96 -5.77 -28.15
C ASN B 102 25.01 -5.06 -26.81
N VAL B 103 24.43 -3.87 -26.76
CA VAL B 103 24.48 -3.04 -25.57
C VAL B 103 23.17 -3.07 -24.80
N TYR B 104 23.22 -3.61 -23.58
CA TYR B 104 22.08 -3.63 -22.69
C TYR B 104 22.16 -2.49 -21.69
N VAL B 105 21.09 -1.71 -21.56
CA VAL B 105 21.06 -0.62 -20.60
C VAL B 105 20.11 -0.93 -19.44
N ASN B 106 20.68 -1.20 -18.27
CA ASN B 106 19.90 -1.53 -17.09
C ASN B 106 19.12 -0.34 -16.55
N THR B 107 17.83 -0.53 -16.30
CA THR B 107 16.98 0.53 -15.77
C THR B 107 16.03 0.03 -14.69
N LYS B 108 15.86 0.84 -13.64
CA LYS B 108 14.87 0.56 -12.61
C LYS B 108 13.48 0.64 -13.24
N PRO B 109 12.57 -0.26 -12.82
CA PRO B 109 11.22 -0.26 -13.40
C PRO B 109 10.47 1.06 -13.26
N GLU B 110 9.65 1.38 -14.26
CA GLU B 110 8.67 2.44 -14.16
C GLU B 110 7.30 1.81 -14.15
N ILE B 111 6.37 2.37 -13.37
CA ILE B 111 5.05 1.77 -13.21
C ILE B 111 3.91 2.70 -13.58
N LEU B 112 2.84 2.13 -14.11
CA LEU B 112 1.63 2.86 -14.46
C LEU B 112 0.41 2.14 -13.89
N ILE B 113 -0.60 2.90 -13.50
CA ILE B 113 -1.82 2.32 -12.97
C ILE B 113 -3.00 2.62 -13.89
N ARG B 114 -3.62 1.57 -14.41
CA ARG B 114 -4.76 1.72 -15.31
C ARG B 114 -5.91 0.84 -14.84
N LEU B 115 -7.03 1.49 -14.50
CA LEU B 115 -8.22 0.77 -14.04
C LEU B 115 -9.12 0.39 -15.20
N VAL B 116 -9.33 -0.90 -15.38
CA VAL B 116 -10.13 -1.39 -16.51
C VAL B 116 -11.25 -2.29 -16.03
N ASN B 117 -12.48 -1.93 -16.37
CA ASN B 117 -13.66 -2.68 -15.97
C ASN B 117 -13.76 -2.84 -14.46
N GLY B 118 -13.74 -4.08 -13.99
CA GLY B 118 -13.79 -4.37 -12.57
C GLY B 118 -12.45 -4.86 -12.05
N MET B 119 -11.38 -4.56 -12.78
CA MET B 119 -10.05 -5.01 -12.40
C MET B 119 -9.00 -3.91 -12.56
N LEU B 120 -8.10 -3.84 -11.59
CA LEU B 120 -7.01 -2.86 -11.59
C LEU B 120 -5.76 -3.44 -12.25
N GLN B 121 -5.13 -2.66 -13.12
CA GLN B 121 -3.95 -3.11 -13.83
C GLN B 121 -2.74 -2.27 -13.49
N CYS B 122 -1.61 -2.93 -13.24
CA CYS B 122 -0.34 -2.25 -13.07
C CYS B 122 0.61 -2.67 -14.17
N VAL B 123 1.22 -1.68 -14.82
CA VAL B 123 2.13 -1.94 -15.93
C VAL B 123 3.55 -1.51 -15.56
N ALA B 124 4.48 -2.46 -15.62
CA ALA B 124 5.87 -2.19 -15.27
C ALA B 124 6.77 -2.29 -16.50
N ALA B 125 7.73 -1.39 -16.61
CA ALA B 125 8.63 -1.39 -17.77
C ALA B 125 10.08 -1.15 -17.37
N GLY B 126 11.01 -1.77 -18.08
CA GLY B 126 12.43 -1.58 -17.82
C GLY B 126 13.28 -2.76 -18.26
N PHE B 127 14.56 -2.74 -17.89
CA PHE B 127 15.45 -3.86 -18.18
C PHE B 127 16.35 -4.19 -16.99
N PRO B 128 16.47 -5.48 -16.64
CA PRO B 128 15.76 -6.62 -17.25
C PRO B 128 14.26 -6.62 -16.95
N GLU B 129 13.53 -7.58 -17.50
CA GLU B 129 12.08 -7.62 -17.40
C GLU B 129 11.61 -7.56 -15.94
N PRO B 130 10.81 -6.53 -15.61
CA PRO B 130 10.29 -6.30 -14.27
C PRO B 130 9.35 -7.41 -13.81
N THR B 131 9.32 -7.64 -12.50
CA THR B 131 8.36 -8.57 -11.90
C THR B 131 7.40 -7.79 -11.01
N ILE B 132 6.12 -8.09 -11.11
CA ILE B 132 5.08 -7.36 -10.37
C ILE B 132 4.42 -8.21 -9.30
N ASP B 133 4.40 -7.67 -8.08
CA ASP B 133 3.71 -8.32 -6.96
C ASP B 133 2.68 -7.38 -6.36
N TRP B 134 1.54 -7.93 -5.95
CA TRP B 134 0.48 -7.15 -5.35
C TRP B 134 0.35 -7.41 -3.86
N TYR B 135 0.04 -6.36 -3.10
CA TYR B 135 -0.16 -6.50 -1.66
C TYR B 135 -1.39 -5.76 -1.17
N PHE B 136 -1.86 -6.13 0.01
CA PHE B 136 -3.03 -5.50 0.62
C PHE B 136 -2.63 -4.81 1.91
N CYS B 137 -3.26 -3.67 2.21
CA CYS B 137 -2.94 -2.91 3.41
C CYS B 137 -4.07 -2.99 4.43
N PRO B 138 -3.87 -3.81 5.48
CA PRO B 138 -4.86 -4.00 6.53
C PRO B 138 -5.08 -2.73 7.36
N GLY B 139 -4.07 -1.86 7.38
CA GLY B 139 -4.15 -0.63 8.16
C GLY B 139 -3.93 -0.90 9.64
N THR B 140 -3.37 -2.07 9.94
CA THR B 140 -3.10 -2.45 11.32
C THR B 140 -1.62 -2.34 11.66
N GLU B 141 -0.80 -2.09 10.64
CA GLU B 141 0.63 -1.96 10.84
C GLU B 141 1.26 -1.08 9.76
N GLN B 142 2.54 -0.79 9.92
CA GLN B 142 3.25 0.09 8.99
C GLN B 142 3.81 -0.67 7.80
N ARG B 143 3.01 -1.58 7.25
CA ARG B 143 3.43 -2.38 6.10
C ARG B 143 2.24 -3.06 5.43
N CYS B 144 2.48 -3.56 4.22
CA CYS B 144 1.46 -4.31 3.48
C CYS B 144 2.01 -5.67 3.09
N SER B 145 1.81 -6.66 3.95
CA SER B 145 2.43 -7.97 3.77
C SER B 145 1.51 -8.97 3.09
N ALA B 146 0.20 -8.76 3.20
CA ALA B 146 -0.79 -9.68 2.65
C ALA B 146 -0.72 -9.75 1.13
N SER B 147 -0.01 -10.75 0.62
CA SER B 147 0.13 -10.94 -0.82
C SER B 147 -1.22 -11.18 -1.49
N VAL B 148 -1.39 -10.61 -2.69
CA VAL B 148 -2.62 -10.79 -3.45
C VAL B 148 -2.32 -11.38 -4.83
N LEU B 149 -2.97 -12.51 -5.14
CA LEU B 149 -2.74 -13.20 -6.40
C LEU B 149 -3.41 -12.51 -7.58
N PRO B 150 -2.66 -12.33 -8.67
CA PRO B 150 -3.14 -11.66 -9.89
C PRO B 150 -4.19 -12.48 -10.63
N VAL B 151 -5.01 -11.81 -11.43
CA VAL B 151 -6.02 -12.48 -12.24
C VAL B 151 -5.51 -12.66 -13.67
N ASP B 152 -4.75 -11.68 -14.14
CA ASP B 152 -4.23 -11.71 -15.50
C ASP B 152 -2.85 -11.05 -15.60
N VAL B 153 -1.87 -11.82 -16.07
CA VAL B 153 -0.51 -11.32 -16.29
C VAL B 153 -0.09 -11.57 -17.73
N GLN B 154 0.35 -10.52 -18.42
CA GLN B 154 0.77 -10.66 -19.82
C GLN B 154 1.88 -9.68 -20.20
N THR B 155 2.75 -10.12 -21.10
CA THR B 155 3.86 -9.29 -21.58
C THR B 155 3.38 -8.36 -22.69
N LEU B 156 3.74 -7.08 -22.58
CA LEU B 156 3.30 -6.07 -23.55
C LEU B 156 4.47 -5.51 -24.37
N ASN B 157 4.16 -5.06 -25.58
CA ASN B 157 5.15 -4.44 -26.46
C ASN B 157 4.77 -3.00 -26.81
N SER B 158 4.85 -2.11 -25.83
CA SER B 158 4.47 -0.72 -26.04
C SER B 158 5.60 0.26 -25.69
N SER B 159 5.50 1.47 -26.21
CA SER B 159 6.51 2.49 -26.01
C SER B 159 6.49 3.03 -24.58
N GLY B 160 5.33 3.49 -24.13
CA GLY B 160 5.18 4.04 -22.81
C GLY B 160 4.30 5.27 -22.80
N PRO B 161 3.98 5.80 -21.60
CA PRO B 161 4.40 5.30 -20.28
C PRO B 161 3.70 3.99 -19.89
N PRO B 162 4.32 3.18 -19.02
CA PRO B 162 5.62 3.44 -18.37
C PRO B 162 6.80 3.22 -19.32
N PHE B 163 7.84 4.05 -19.17
CA PHE B 163 8.99 3.99 -20.06
C PHE B 163 10.00 2.95 -19.61
N GLY B 164 10.30 2.02 -20.52
CA GLY B 164 11.24 0.94 -20.26
C GLY B 164 11.35 0.03 -21.45
N LYS B 165 12.42 -0.75 -21.50
CA LYS B 165 12.68 -1.65 -22.63
C LYS B 165 11.69 -2.80 -22.67
N LEU B 166 11.58 -3.54 -21.58
CA LEU B 166 10.67 -4.68 -21.50
C LEU B 166 9.46 -4.35 -20.64
N VAL B 167 8.27 -4.62 -21.18
CA VAL B 167 7.02 -4.23 -20.52
C VAL B 167 6.18 -5.45 -20.13
N VAL B 168 5.65 -5.42 -18.91
CA VAL B 168 4.78 -6.48 -18.41
C VAL B 168 3.58 -5.85 -17.70
N GLN B 169 2.45 -6.56 -17.69
CA GLN B 169 1.23 -6.05 -17.08
C GLN B 169 0.56 -7.09 -16.19
N SER B 170 0.24 -6.67 -14.97
CA SER B 170 -0.48 -7.53 -14.02
C SER B 170 -1.85 -6.95 -13.73
N SER B 171 -2.81 -7.81 -13.42
CA SER B 171 -4.20 -7.39 -13.23
C SER B 171 -4.88 -8.12 -12.08
N ILE B 172 -5.63 -7.40 -11.26
CA ILE B 172 -6.32 -8.01 -10.13
C ILE B 172 -7.77 -7.52 -10.01
N ASP B 173 -8.69 -8.46 -9.75
CA ASP B 173 -10.09 -8.13 -9.52
C ASP B 173 -10.25 -7.15 -8.36
N SER B 174 -11.21 -6.23 -8.50
CA SER B 174 -11.37 -5.15 -7.53
C SER B 174 -12.58 -5.35 -6.61
N SER B 175 -13.12 -6.57 -6.61
CA SER B 175 -14.35 -6.84 -5.87
C SER B 175 -14.15 -6.85 -4.36
N ALA B 176 -12.99 -7.33 -3.92
CA ALA B 176 -12.72 -7.47 -2.49
C ALA B 176 -12.22 -6.17 -1.86
N PHE B 177 -12.01 -5.15 -2.69
CA PHE B 177 -11.48 -3.88 -2.21
C PHE B 177 -12.39 -2.71 -2.60
N LYS B 178 -13.69 -2.95 -2.65
CA LYS B 178 -14.64 -1.96 -3.11
C LYS B 178 -14.66 -0.70 -2.25
N HIS B 179 -14.85 -0.86 -0.95
CA HIS B 179 -14.96 0.29 -0.05
C HIS B 179 -13.68 0.50 0.76
N ASN B 180 -13.06 1.67 0.56
CA ASN B 180 -11.82 2.04 1.23
C ASN B 180 -10.73 0.98 1.06
N GLY B 181 -10.74 0.32 -0.09
CA GLY B 181 -9.76 -0.72 -0.38
C GLY B 181 -8.41 -0.11 -0.72
N THR B 182 -7.36 -0.62 -0.08
CA THR B 182 -6.02 -0.12 -0.34
C THR B 182 -5.10 -1.25 -0.81
N VAL B 183 -4.59 -1.10 -2.03
CA VAL B 183 -3.73 -2.12 -2.64
C VAL B 183 -2.35 -1.52 -2.92
N GLU B 184 -1.37 -2.38 -3.19
CA GLU B 184 -0.03 -1.91 -3.52
C GLU B 184 0.57 -2.71 -4.66
N CYS B 185 1.04 -1.99 -5.68
CA CYS B 185 1.76 -2.59 -6.80
C CYS B 185 3.26 -2.40 -6.61
N LYS B 186 4.00 -3.50 -6.64
CA LYS B 186 5.45 -3.45 -6.47
C LYS B 186 6.17 -4.15 -7.62
N ALA B 187 6.85 -3.35 -8.44
CA ALA B 187 7.64 -3.89 -9.55
C ALA B 187 9.13 -3.86 -9.23
N TYR B 188 9.85 -4.89 -9.64
CA TYR B 188 11.28 -4.95 -9.33
C TYR B 188 12.10 -5.75 -10.33
N ASN B 189 13.39 -5.41 -10.41
CA ASN B 189 14.38 -6.22 -11.12
C ASN B 189 15.73 -6.05 -10.44
N ASP B 190 16.75 -6.76 -10.93
CA ASP B 190 18.08 -6.74 -10.33
C ASP B 190 18.68 -5.33 -10.25
N VAL B 191 18.10 -4.39 -11.01
CA VAL B 191 18.58 -3.01 -11.02
C VAL B 191 17.98 -2.21 -9.86
N GLY B 192 16.72 -2.47 -9.54
CA GLY B 192 16.06 -1.73 -8.49
C GLY B 192 14.59 -2.07 -8.33
N LYS B 193 13.91 -1.33 -7.47
CA LYS B 193 12.49 -1.58 -7.20
C LYS B 193 11.70 -0.29 -7.10
N THR B 194 10.43 -0.38 -7.44
CA THR B 194 9.52 0.76 -7.37
C THR B 194 8.13 0.27 -7.02
N SER B 195 7.39 1.08 -6.27
CA SER B 195 6.06 0.68 -5.82
C SER B 195 5.10 1.86 -5.68
N ALA B 196 3.81 1.55 -5.63
CA ALA B 196 2.80 2.58 -5.44
C ALA B 196 1.51 2.00 -4.86
N TYR B 197 0.82 2.80 -4.05
CA TYR B 197 -0.43 2.37 -3.45
C TYR B 197 -1.62 2.93 -4.23
N PHE B 198 -2.75 2.23 -4.14
CA PHE B 198 -4.00 2.71 -4.73
C PHE B 198 -5.14 2.56 -3.74
N ASN B 199 -5.95 3.61 -3.60
CA ASN B 199 -7.06 3.60 -2.67
C ASN B 199 -8.40 3.77 -3.39
N PHE B 200 -9.30 2.81 -3.18
CA PHE B 200 -10.61 2.83 -3.82
C PHE B 200 -11.60 3.70 -3.05
N ASP C 5 22.40 14.81 53.04
CA ASP C 5 21.22 15.68 52.99
C ASP C 5 20.45 15.45 51.70
N LYS C 6 20.68 16.31 50.71
CA LYS C 6 20.01 16.22 49.43
C LYS C 6 20.95 15.73 48.34
N GLY C 7 20.48 14.77 47.55
CA GLY C 7 21.26 14.22 46.46
C GLY C 7 21.06 14.98 45.16
N PHE C 8 21.74 14.53 44.10
CA PHE C 8 21.66 15.22 42.82
C PHE C 8 22.00 14.33 41.63
N ILE C 9 21.37 14.60 40.49
CA ILE C 9 21.74 13.97 39.23
C ILE C 9 21.77 15.02 38.12
N ASN C 10 22.92 15.16 37.46
CA ASN C 10 23.04 16.11 36.35
C ASN C 10 23.43 15.42 35.06
N ILE C 11 22.59 15.55 34.04
CA ILE C 11 22.82 14.88 32.77
C ILE C 11 23.45 15.80 31.73
N PHE C 12 24.61 15.40 31.23
CA PHE C 12 25.29 16.11 30.15
C PHE C 12 25.32 15.25 28.88
N PRO C 13 24.64 15.72 27.83
CA PRO C 13 24.66 15.00 26.54
C PRO C 13 26.00 15.16 25.82
N MET C 14 26.55 14.05 25.33
CA MET C 14 27.82 14.09 24.61
C MET C 14 27.60 14.51 23.16
N ILE C 15 26.43 14.21 22.63
CA ILE C 15 26.04 14.63 21.29
C ILE C 15 24.83 15.55 21.37
N ASN C 16 24.45 16.13 20.23
CA ASN C 16 23.30 17.03 20.22
C ASN C 16 22.00 16.26 20.38
N THR C 17 21.04 16.86 21.07
CA THR C 17 19.75 16.23 21.30
C THR C 17 19.00 16.02 19.99
N THR C 18 19.25 16.90 19.02
CA THR C 18 18.65 16.77 17.70
C THR C 18 19.58 16.00 16.77
N VAL C 19 19.12 14.85 16.30
CA VAL C 19 19.93 13.98 15.46
C VAL C 19 19.24 13.68 14.14
N PHE C 20 19.99 13.72 13.04
CA PHE C 20 19.46 13.37 11.73
C PHE C 20 20.15 12.13 11.18
N VAL C 21 19.37 11.18 10.68
CA VAL C 21 19.93 9.93 10.19
C VAL C 21 19.12 9.40 8.99
N ASN C 22 19.82 8.93 7.96
CA ASN C 22 19.16 8.38 6.78
C ASN C 22 18.58 6.99 7.04
N ASP C 23 17.65 6.58 6.18
CA ASP C 23 16.97 5.29 6.30
C ASP C 23 17.98 4.14 6.23
N GLY C 24 17.94 3.26 7.23
CA GLY C 24 18.78 2.09 7.25
C GLY C 24 20.20 2.36 7.69
N GLU C 25 20.39 3.41 8.48
CA GLU C 25 21.71 3.76 9.01
C GLU C 25 21.72 3.68 10.53
N ASN C 26 22.91 3.84 11.11
CA ASN C 26 23.07 3.73 12.55
C ASN C 26 23.28 5.08 13.24
N VAL C 27 23.01 5.10 14.54
CA VAL C 27 23.23 6.30 15.35
C VAL C 27 23.34 5.92 16.82
N ASP C 28 24.36 6.42 17.49
CA ASP C 28 24.57 6.16 18.91
C ASP C 28 24.23 7.38 19.75
N LEU C 29 23.21 7.25 20.59
CA LEU C 29 22.83 8.33 21.50
C LEU C 29 23.63 8.21 22.80
N ILE C 30 24.54 9.15 23.01
CA ILE C 30 25.48 9.07 24.12
C ILE C 30 25.20 10.13 25.20
N VAL C 31 25.30 9.71 26.45
CA VAL C 31 25.05 10.60 27.58
C VAL C 31 26.02 10.33 28.74
N GLU C 32 26.58 11.38 29.31
CA GLU C 32 27.30 11.26 30.57
C GLU C 32 26.46 11.90 31.66
N TYR C 33 26.67 11.54 32.91
CA TYR C 33 25.93 12.17 34.00
C TYR C 33 26.57 12.00 35.37
N GLU C 34 26.37 12.99 36.23
CA GLU C 34 26.77 12.91 37.63
C GLU C 34 25.59 12.43 38.46
N ALA C 35 25.87 11.64 39.49
CA ALA C 35 24.81 11.14 40.37
C ALA C 35 25.33 10.83 41.77
N PHE C 36 24.71 11.45 42.78
CA PHE C 36 24.95 11.07 44.16
C PHE C 36 23.64 11.03 44.94
N PRO C 37 23.37 9.90 45.62
CA PRO C 37 24.20 8.68 45.61
C PRO C 37 24.06 7.92 44.29
N LYS C 38 24.76 6.79 44.16
CA LYS C 38 24.78 6.06 42.90
C LYS C 38 23.37 5.66 42.47
N PRO C 39 23.05 5.87 41.18
CA PRO C 39 21.71 5.69 40.61
C PRO C 39 21.12 4.31 40.86
N GLU C 40 19.95 4.26 41.48
CA GLU C 40 19.33 2.98 41.80
C GLU C 40 18.79 2.30 40.55
N HIS C 41 18.34 3.08 39.58
CA HIS C 41 17.94 2.52 38.29
C HIS C 41 17.92 3.56 37.17
N GLN C 42 17.84 3.08 35.94
CA GLN C 42 17.90 3.92 34.75
C GLN C 42 17.42 3.16 33.52
N GLN C 43 16.99 3.89 32.50
CA GLN C 43 16.43 3.26 31.30
C GLN C 43 16.33 4.20 30.10
N TRP C 44 16.31 3.60 28.91
CA TRP C 44 16.03 4.31 27.67
C TRP C 44 14.61 3.99 27.20
N ILE C 45 13.79 5.01 27.04
CA ILE C 45 12.39 4.82 26.67
C ILE C 45 12.05 5.50 25.35
N TYR C 46 11.42 4.75 24.45
CA TYR C 46 10.97 5.27 23.17
C TYR C 46 9.49 4.95 22.97
N MET C 47 8.67 5.99 22.88
CA MET C 47 7.22 5.85 22.74
C MET C 47 6.61 5.08 23.89
N ASN C 48 6.94 5.50 25.11
CA ASN C 48 6.46 4.85 26.35
C ASN C 48 6.79 3.35 26.38
N ARG C 49 7.87 2.98 25.71
CA ARG C 49 8.27 1.58 25.60
C ARG C 49 9.75 1.42 25.93
N THR C 50 10.04 0.78 27.05
CA THR C 50 11.40 0.68 27.58
C THR C 50 12.27 -0.28 26.75
N PHE C 51 13.48 0.17 26.46
CA PHE C 51 14.48 -0.68 25.81
C PHE C 51 15.02 -1.73 26.77
N THR C 52 15.48 -2.84 26.23
CA THR C 52 16.08 -3.90 27.03
C THR C 52 17.37 -4.42 26.40
N ASP C 53 17.82 -3.72 25.36
CA ASP C 53 19.07 -4.07 24.70
C ASP C 53 19.61 -2.87 23.92
N LYS C 54 20.78 -3.06 23.30
CA LYS C 54 21.47 -2.02 22.52
C LYS C 54 21.87 -0.80 23.36
N TRP C 55 21.61 -0.86 24.66
CA TRP C 55 21.98 0.22 25.56
C TRP C 55 22.95 -0.30 26.62
N GLU C 56 24.02 0.47 26.85
CA GLU C 56 25.04 0.07 27.83
C GLU C 56 25.31 1.19 28.83
N ASP C 57 25.69 0.80 30.04
CA ASP C 57 25.99 1.76 31.10
C ASP C 57 27.25 1.34 31.85
N TYR C 58 28.12 2.31 32.12
CA TYR C 58 29.38 2.02 32.81
C TYR C 58 29.93 3.27 33.48
N PRO C 59 30.58 3.09 34.64
CA PRO C 59 31.25 4.21 35.31
C PRO C 59 32.41 4.72 34.46
N LYS C 60 32.57 6.04 34.39
CA LYS C 60 33.63 6.63 33.57
C LYS C 60 35.00 6.36 34.18
N SER C 61 35.03 6.14 35.48
CA SER C 61 36.28 5.81 36.18
C SER C 61 36.06 4.69 37.19
N GLU C 62 37.10 3.91 37.43
CA GLU C 62 37.03 2.83 38.42
C GLU C 62 37.53 3.33 39.77
N ASN C 63 37.65 4.64 39.91
CA ASN C 63 38.06 5.25 41.16
C ASN C 63 37.04 4.97 42.26
N GLU C 64 37.51 4.93 43.51
CA GLU C 64 36.68 4.57 44.64
C GLU C 64 35.58 5.60 44.91
N SER C 65 35.80 6.82 44.46
CA SER C 65 34.86 7.91 44.71
C SER C 65 34.28 8.48 43.41
N ASN C 66 34.05 7.62 42.43
CA ASN C 66 33.51 8.04 41.15
C ASN C 66 32.00 8.26 41.18
N ILE C 67 31.55 9.39 40.64
CA ILE C 67 30.13 9.68 40.53
C ILE C 67 29.75 9.99 39.09
N ARG C 68 30.72 9.87 38.19
CA ARG C 68 30.50 10.11 36.77
C ARG C 68 30.17 8.80 36.06
N TYR C 69 29.11 8.82 35.25
CA TYR C 69 28.68 7.61 34.55
C TYR C 69 28.39 7.89 33.08
N VAL C 70 28.46 6.84 32.27
CA VAL C 70 28.22 6.95 30.84
C VAL C 70 27.21 5.90 30.36
N SER C 71 26.21 6.36 29.62
CA SER C 71 25.21 5.48 29.03
C SER C 71 25.09 5.74 27.53
N GLU C 72 25.15 4.68 26.74
CA GLU C 72 25.04 4.79 25.29
C GLU C 72 23.88 3.93 24.77
N LEU C 73 23.26 4.38 23.69
CA LEU C 73 22.21 3.61 23.02
C LEU C 73 22.53 3.46 21.54
N HIS C 74 22.77 2.22 21.12
CA HIS C 74 23.20 1.94 19.76
C HIS C 74 22.03 1.61 18.83
N LEU C 75 21.41 2.64 18.28
CA LEU C 75 20.32 2.44 17.33
C LEU C 75 20.87 1.97 15.99
N THR C 76 20.50 0.76 15.59
CA THR C 76 21.05 0.15 14.39
C THR C 76 20.01 0.01 13.28
N ARG C 77 20.38 0.43 12.08
CA ARG C 77 19.55 0.32 10.88
C ARG C 77 18.13 0.85 11.11
N LEU C 78 18.04 2.14 11.45
CA LEU C 78 16.75 2.75 11.74
C LEU C 78 15.85 2.81 10.51
N LYS C 79 14.59 2.44 10.72
CA LYS C 79 13.56 2.58 9.69
C LYS C 79 12.85 3.91 9.87
N GLY C 80 12.02 4.28 8.91
CA GLY C 80 11.31 5.55 8.96
C GLY C 80 10.35 5.65 10.12
N THR C 81 9.79 4.51 10.52
CA THR C 81 8.81 4.47 11.59
C THR C 81 9.46 4.55 12.96
N GLU C 82 10.77 4.33 13.01
CA GLU C 82 11.50 4.32 14.29
C GLU C 82 12.07 5.69 14.64
N GLY C 83 11.58 6.72 13.96
CA GLY C 83 12.00 8.07 14.25
C GLY C 83 11.09 8.73 15.29
N GLY C 84 11.68 9.50 16.19
CA GLY C 84 10.92 10.15 17.24
C GLY C 84 11.75 10.53 18.44
N THR C 85 11.11 10.64 19.60
CA THR C 85 11.79 11.09 20.81
C THR C 85 12.28 9.91 21.66
N TYR C 86 13.59 9.87 21.89
CA TYR C 86 14.20 8.85 22.73
C TYR C 86 14.64 9.46 24.06
N THR C 87 13.95 9.11 25.14
CA THR C 87 14.22 9.70 26.45
C THR C 87 15.01 8.78 27.39
N PHE C 88 16.20 9.22 27.77
CA PHE C 88 16.98 8.51 28.77
C PHE C 88 16.67 9.07 30.15
N LEU C 89 16.20 8.23 31.06
CA LEU C 89 15.92 8.70 32.42
C LEU C 89 16.69 7.87 33.45
N VAL C 90 17.22 8.57 34.46
CA VAL C 90 18.02 7.93 35.49
C VAL C 90 17.61 8.45 36.86
N SER C 91 17.62 7.59 37.87
CA SER C 91 17.20 7.99 39.21
C SER C 91 17.87 7.19 40.31
N ASN C 92 18.11 7.86 41.43
CA ASN C 92 18.63 7.23 42.64
C ASN C 92 17.61 7.28 43.77
N SER C 93 18.07 7.52 44.99
CA SER C 93 17.19 7.50 46.15
C SER C 93 16.64 8.88 46.50
N ASP C 94 17.07 9.91 45.77
CA ASP C 94 16.68 11.27 46.10
C ASP C 94 15.96 11.98 44.95
N VAL C 95 16.50 11.89 43.74
CA VAL C 95 15.95 12.65 42.62
C VAL C 95 15.75 11.81 41.35
N ASN C 96 14.96 12.34 40.43
CA ASN C 96 14.75 11.72 39.12
C ASN C 96 15.15 12.68 38.01
N ALA C 97 16.10 12.26 37.18
CA ALA C 97 16.55 13.09 36.06
C ALA C 97 16.24 12.43 34.72
N ALA C 98 16.16 13.25 33.67
CA ALA C 98 15.84 12.74 32.35
C ALA C 98 16.33 13.68 31.26
N ILE C 99 16.54 13.14 30.06
CA ILE C 99 16.93 13.94 28.91
C ILE C 99 16.33 13.32 27.63
N ALA C 100 15.85 14.19 26.73
CA ALA C 100 15.19 13.72 25.53
C ALA C 100 16.01 14.01 24.28
N PHE C 101 16.19 12.99 23.45
CA PHE C 101 16.82 13.15 22.14
C PHE C 101 15.75 13.13 21.06
N ASN C 102 15.95 13.94 20.02
CA ASN C 102 15.01 13.97 18.91
C ASN C 102 15.63 13.41 17.64
N VAL C 103 15.27 12.17 17.33
CA VAL C 103 15.84 11.47 16.18
C VAL C 103 14.92 11.55 14.96
N TYR C 104 15.47 12.14 13.89
CA TYR C 104 14.74 12.24 12.62
C TYR C 104 15.32 11.28 11.59
N VAL C 105 14.45 10.49 10.98
CA VAL C 105 14.86 9.51 9.99
C VAL C 105 14.45 9.93 8.58
N ASN C 106 15.44 10.36 7.79
CA ASN C 106 15.23 10.74 6.41
C ASN C 106 14.76 9.56 5.57
N THR C 107 13.63 9.72 4.87
CA THR C 107 13.09 8.64 4.07
C THR C 107 12.68 9.09 2.66
N LYS C 108 12.99 8.25 1.69
CA LYS C 108 12.52 8.41 0.32
C LYS C 108 10.99 8.37 0.31
N PRO C 109 10.36 9.30 -0.44
CA PRO C 109 8.91 9.41 -0.43
C PRO C 109 8.19 8.15 -0.91
N GLU C 110 7.00 7.91 -0.36
CA GLU C 110 6.12 6.87 -0.86
C GLU C 110 4.84 7.52 -1.37
N ILE C 111 4.28 6.99 -2.45
CA ILE C 111 3.11 7.61 -3.06
C ILE C 111 1.91 6.69 -3.15
N LEU C 112 0.72 7.28 -2.99
CA LEU C 112 -0.55 6.59 -3.11
C LEU C 112 -1.43 7.35 -4.08
N ILE C 113 -2.19 6.63 -4.89
CA ILE C 113 -3.10 7.27 -5.84
C ILE C 113 -4.55 6.97 -5.47
N ARG C 114 -5.28 8.04 -5.15
CA ARG C 114 -6.68 7.92 -4.70
C ARG C 114 -7.61 8.62 -5.69
N LEU C 115 -8.83 8.10 -5.81
CA LEU C 115 -9.80 8.67 -6.72
C LEU C 115 -11.00 9.25 -5.97
N VAL C 116 -10.77 10.36 -5.26
CA VAL C 116 -11.82 11.04 -4.53
C VAL C 116 -12.67 11.88 -5.48
N ASN C 117 -11.99 12.59 -6.38
CA ASN C 117 -12.67 13.45 -7.35
C ASN C 117 -12.91 12.74 -8.67
N LEU C 120 -8.38 12.92 -9.12
CA LEU C 120 -7.07 12.29 -9.08
C LEU C 120 -6.20 12.90 -7.99
N GLN C 121 -5.97 12.14 -6.92
CA GLN C 121 -5.19 12.63 -5.79
C GLN C 121 -3.92 11.80 -5.57
N CYS C 122 -2.80 12.48 -5.42
CA CYS C 122 -1.55 11.81 -5.08
C CYS C 122 -1.16 12.17 -3.65
N VAL C 123 -0.92 11.14 -2.84
CA VAL C 123 -0.52 11.33 -1.46
C VAL C 123 0.93 10.87 -1.28
N ALA C 124 1.79 11.80 -0.87
CA ALA C 124 3.20 11.48 -0.68
C ALA C 124 3.58 11.53 0.79
N ALA C 125 4.38 10.57 1.24
CA ALA C 125 4.77 10.53 2.65
C ALA C 125 6.27 10.28 2.80
N GLY C 126 6.88 10.95 3.78
CA GLY C 126 8.29 10.78 4.05
C GLY C 126 8.88 11.92 4.84
N PHE C 127 10.20 11.88 5.02
CA PHE C 127 10.91 12.95 5.70
C PHE C 127 12.22 13.28 4.99
N PRO C 128 12.45 14.56 4.68
CA PRO C 128 11.55 15.71 4.90
C PRO C 128 10.31 15.66 4.02
N GLU C 129 9.38 16.59 4.24
CA GLU C 129 8.11 16.59 3.52
C GLU C 129 8.30 16.57 2.02
N PRO C 130 7.74 15.56 1.35
CA PRO C 130 7.84 15.43 -0.12
C PRO C 130 7.13 16.55 -0.86
N THR C 131 7.67 16.93 -2.01
CA THR C 131 7.00 17.84 -2.92
C THR C 131 6.45 17.03 -4.09
N ILE C 132 5.22 17.32 -4.49
CA ILE C 132 4.58 16.60 -5.57
C ILE C 132 4.44 17.45 -6.83
N ASP C 133 5.02 16.97 -7.93
CA ASP C 133 4.87 17.62 -9.22
C ASP C 133 4.06 16.72 -10.17
N TRP C 134 3.15 17.33 -10.91
CA TRP C 134 2.32 16.61 -11.87
C TRP C 134 2.78 16.86 -13.30
N TYR C 135 2.76 15.83 -14.12
CA TYR C 135 3.12 15.96 -15.53
C TYR C 135 2.11 15.26 -16.43
N PHE C 136 2.09 15.63 -17.70
CA PHE C 136 1.21 15.01 -18.67
C PHE C 136 2.01 14.25 -19.71
N CYS C 137 1.42 13.21 -20.29
CA CYS C 137 2.13 12.36 -21.24
C CYS C 137 1.49 12.33 -22.63
N PRO C 138 1.77 13.36 -23.45
CA PRO C 138 1.34 13.35 -24.85
C PRO C 138 2.48 12.98 -25.79
N GLY C 139 2.18 12.84 -27.08
CA GLY C 139 3.20 12.58 -28.09
C GLY C 139 3.83 11.21 -28.01
N THR C 140 3.09 10.24 -27.46
CA THR C 140 3.52 8.85 -27.38
C THR C 140 4.88 8.67 -26.71
N GLU C 141 5.90 8.40 -27.52
CA GLU C 141 7.24 8.06 -27.01
C GLU C 141 7.88 9.20 -26.23
N GLN C 142 7.48 10.43 -26.52
CA GLN C 142 8.03 11.59 -25.83
C GLN C 142 7.70 11.56 -24.35
N ARG C 143 8.72 11.75 -23.52
CA ARG C 143 8.55 11.73 -22.07
C ARG C 143 7.67 12.87 -21.58
N CYS C 144 7.17 12.75 -20.35
CA CYS C 144 6.31 13.76 -19.77
C CYS C 144 7.06 15.06 -19.49
N SER C 145 6.44 16.18 -19.84
CA SER C 145 7.06 17.49 -19.65
C SER C 145 6.02 18.55 -19.28
N ALA C 146 4.80 18.38 -19.79
CA ALA C 146 3.73 19.32 -19.53
C ALA C 146 3.32 19.32 -18.07
N SER C 147 3.89 20.25 -17.30
CA SER C 147 3.56 20.37 -15.88
C SER C 147 2.10 20.75 -15.68
N VAL C 148 1.46 20.11 -14.70
CA VAL C 148 0.05 20.38 -14.43
C VAL C 148 -0.15 21.04 -13.07
N LEU C 149 -1.04 22.02 -13.03
CA LEU C 149 -1.34 22.74 -11.80
C LEU C 149 -2.40 22.02 -10.98
N PRO C 150 -2.11 21.75 -9.70
CA PRO C 150 -3.06 21.10 -8.79
C PRO C 150 -4.17 22.03 -8.32
N VAL C 151 -5.36 21.48 -8.09
CA VAL C 151 -6.49 22.28 -7.63
C VAL C 151 -6.53 22.35 -6.10
N ASP C 152 -5.86 21.40 -5.46
CA ASP C 152 -5.81 21.37 -4.00
C ASP C 152 -4.55 20.65 -3.51
N VAL C 153 -3.79 21.34 -2.66
CA VAL C 153 -2.62 20.76 -2.02
C VAL C 153 -2.68 21.00 -0.52
N GLN C 154 -2.86 19.93 0.25
CA GLN C 154 -2.95 20.07 1.71
C GLN C 154 -2.04 19.07 2.41
N THR C 155 -2.01 19.13 3.73
CA THR C 155 -1.18 18.23 4.53
C THR C 155 -2.02 17.33 5.41
N LEU C 156 -1.91 16.02 5.20
CA LEU C 156 -2.72 15.06 5.92
C LEU C 156 -2.02 14.55 7.18
N ASN C 157 -2.80 14.34 8.24
CA ASN C 157 -2.27 13.82 9.50
C ASN C 157 -2.28 12.30 9.52
N SER C 158 -3.20 11.70 8.77
CA SER C 158 -3.39 10.25 8.76
C SER C 158 -2.12 9.52 8.35
N SER C 159 -1.82 8.44 9.06
CA SER C 159 -0.61 7.66 8.80
C SER C 159 -0.72 6.88 7.50
N GLY C 160 0.28 6.05 7.24
CA GLY C 160 0.33 5.29 6.00
C GLY C 160 -0.75 4.22 5.91
N PRO C 161 -0.94 3.66 4.71
CA PRO C 161 -0.21 4.01 3.48
C PRO C 161 -0.72 5.30 2.84
N PRO C 162 0.18 6.07 2.20
CA PRO C 162 1.62 5.78 2.06
C PRO C 162 2.39 6.09 3.34
N PHE C 163 3.42 5.28 3.61
CA PHE C 163 4.15 5.38 4.87
C PHE C 163 5.27 6.42 4.81
N GLY C 164 5.36 7.23 5.86
CA GLY C 164 6.32 8.30 5.95
C GLY C 164 5.90 9.29 7.04
N LYS C 165 6.85 10.06 7.55
CA LYS C 165 6.57 10.97 8.65
C LYS C 165 5.63 12.09 8.23
N LEU C 166 6.11 12.96 7.35
CA LEU C 166 5.29 14.07 6.85
C LEU C 166 4.50 13.65 5.61
N VAL C 167 3.23 14.02 5.58
CA VAL C 167 2.32 13.57 4.52
C VAL C 167 1.65 14.74 3.80
N VAL C 168 1.82 14.78 2.49
CA VAL C 168 1.21 15.82 1.66
C VAL C 168 0.24 15.18 0.65
N GLN C 169 -0.71 15.98 0.15
CA GLN C 169 -1.72 15.48 -0.77
C GLN C 169 -2.01 16.53 -1.85
N SER C 170 -1.87 16.13 -3.11
CA SER C 170 -2.10 17.04 -4.24
C SER C 170 -3.21 16.50 -5.14
N SER C 171 -3.88 17.40 -5.87
CA SER C 171 -5.03 16.99 -6.69
C SER C 171 -5.17 17.75 -8.01
N ILE C 172 -5.21 17.03 -9.11
CA ILE C 172 -5.43 17.60 -10.44
C ILE C 172 -6.93 17.67 -10.75
N ASP C 173 -7.34 18.70 -11.51
CA ASP C 173 -8.67 18.73 -12.11
C ASP C 173 -8.95 17.43 -12.85
N SER C 174 -9.92 16.67 -12.33
CA SER C 174 -10.25 15.36 -12.88
C SER C 174 -11.66 15.38 -13.49
N SER C 175 -11.87 14.60 -14.54
CA SER C 175 -10.85 13.73 -15.12
C SER C 175 -10.68 13.95 -16.62
N ALA C 176 -11.34 14.98 -17.14
CA ALA C 176 -11.29 15.25 -18.57
C ALA C 176 -10.24 16.31 -18.88
N PHE C 177 -9.06 16.16 -18.31
CA PHE C 177 -7.93 17.00 -18.65
C PHE C 177 -7.54 16.80 -20.10
N LYS C 178 -7.71 15.57 -20.56
CA LYS C 178 -7.56 15.21 -21.98
C LYS C 178 -8.21 13.85 -22.23
N HIS C 179 -7.96 13.30 -23.41
CA HIS C 179 -8.65 12.10 -23.86
C HIS C 179 -7.96 10.82 -23.39
N ASN C 180 -6.64 10.78 -23.50
CA ASN C 180 -5.88 9.58 -23.17
C ASN C 180 -5.98 9.24 -21.68
N GLY C 181 -5.90 10.25 -20.83
CA GLY C 181 -6.07 10.05 -19.40
C GLY C 181 -4.77 9.67 -18.70
N THR C 182 -3.65 9.88 -19.36
CA THR C 182 -2.35 9.52 -18.80
C THR C 182 -1.69 10.69 -18.07
N VAL C 183 -1.41 10.50 -16.78
CA VAL C 183 -0.81 11.53 -15.94
C VAL C 183 0.32 10.95 -15.09
N GLU C 184 1.39 11.71 -14.88
CA GLU C 184 2.48 11.28 -14.02
C GLU C 184 2.54 12.06 -12.71
N CYS C 185 2.56 11.34 -11.60
CA CYS C 185 2.77 11.92 -10.28
C CYS C 185 4.19 11.67 -9.82
N LYS C 186 4.89 12.74 -9.46
CA LYS C 186 6.29 12.63 -9.04
C LYS C 186 6.57 13.34 -7.73
N ALA C 187 6.80 12.57 -6.67
CA ALA C 187 7.12 13.11 -5.36
C ALA C 187 8.61 13.00 -5.07
N TYR C 188 9.16 14.01 -4.38
CA TYR C 188 10.59 14.02 -4.11
C TYR C 188 10.98 14.83 -2.87
N ASN C 189 12.11 14.48 -2.29
CA ASN C 189 12.70 15.27 -1.21
C ASN C 189 14.22 15.22 -1.28
N ASP C 190 14.88 15.57 -0.18
CA ASP C 190 16.34 15.57 -0.14
C ASP C 190 16.90 14.15 -0.13
N VAL C 191 16.03 13.17 0.08
CA VAL C 191 16.46 11.78 0.21
C VAL C 191 16.37 11.03 -1.11
N GLY C 192 15.21 11.04 -1.73
CA GLY C 192 15.01 10.31 -2.98
C GLY C 192 13.88 10.82 -3.83
N LYS C 193 13.65 10.13 -4.95
CA LYS C 193 12.60 10.49 -5.88
C LYS C 193 11.74 9.27 -6.23
N THR C 194 10.43 9.45 -6.16
CA THR C 194 9.51 8.37 -6.51
C THR C 194 8.43 8.89 -7.44
N SER C 195 7.99 8.06 -8.38
CA SER C 195 7.01 8.50 -9.36
C SER C 195 6.18 7.35 -9.91
N ALA C 196 4.96 7.66 -10.35
CA ALA C 196 4.08 6.66 -10.93
C ALA C 196 3.10 7.29 -11.92
N TYR C 197 2.70 6.53 -12.92
CA TYR C 197 1.75 7.01 -13.91
C TYR C 197 0.33 6.53 -13.61
N PHE C 198 -0.64 7.08 -14.34
CA PHE C 198 -2.04 6.70 -14.18
C PHE C 198 -2.79 6.93 -15.47
N ASN C 199 -3.49 5.90 -15.95
CA ASN C 199 -4.27 6.00 -17.18
C ASN C 199 -5.76 5.99 -16.89
#